data_6Q43
#
_entry.id   6Q43
#
_cell.length_a   29.339
_cell.length_b   26.652
_cell.length_c   64.457
_cell.angle_alpha   90.000
_cell.angle_beta   92.240
_cell.angle_gamma   90.000
#
_symmetry.space_group_name_H-M   'P 1 21 1'
#
loop_
_entity.id
_entity.type
_entity.pdbx_description
1 polymer 'Leading Chain of the ABA collagen heterotrimer'
2 polymer 'Middle Chain of the ABA collagen heterotrimer'
3 polymer 'Trailing chain of the ABA collagen heterotrimer'
4 non-polymer GLYCEROL
5 water water
#
loop_
_entity_poly.entity_id
_entity_poly.type
_entity_poly.pdbx_seq_one_letter_code
_entity_poly.pdbx_strand_id
1 'polypeptide(L)' GPPGPKGPKGDPGDPGPPGARGQAGV(NLE)GF(HYP)GPPGPKGPKGDPGDPG A
2 'polypeptide(L)' (ACE)GPPGPPGDKGDKGPPGPPGARGE(HYP)GNIGF(HYP)GPPGPPGDKGDKGPPG B
3 'polypeptide(L)' (ACE)GPPGPKGPKGDPGDPGPPGARGQAGV(NLE)GF(HYP)GPPGPKGPKGDPGDP C
#
loop_
_chem_comp.id
_chem_comp.type
_chem_comp.name
_chem_comp.formula
ACE non-polymer 'ACETYL GROUP' 'C2 H4 O'
GOL non-polymer GLYCEROL 'C3 H8 O3'
#
# COMPACT_ATOMS: atom_id res chain seq x y z
N GLY A 1 35.01 -27.74 50.52
CA GLY A 1 33.59 -28.22 50.47
C GLY A 1 33.10 -28.35 49.04
N PRO A 2 32.07 -29.18 48.83
CA PRO A 2 31.61 -29.42 47.46
C PRO A 2 30.99 -28.17 46.89
N PRO A 3 31.07 -27.96 45.57
CA PRO A 3 30.28 -26.89 44.96
C PRO A 3 28.79 -27.16 45.17
N GLY A 4 28.01 -26.07 45.18
CA GLY A 4 26.60 -26.19 45.28
C GLY A 4 25.97 -26.67 43.98
N PRO A 5 24.65 -26.76 43.96
CA PRO A 5 23.96 -27.23 42.76
C PRO A 5 23.94 -26.17 41.68
N LYS A 6 23.67 -26.62 40.47
CA LYS A 6 23.61 -25.73 39.33
C LYS A 6 22.47 -24.74 39.51
N GLY A 7 22.72 -23.50 39.07
CA GLY A 7 21.74 -22.45 39.18
C GLY A 7 20.56 -22.65 38.26
N PRO A 8 19.52 -21.85 38.45
CA PRO A 8 18.31 -22.00 37.64
C PRO A 8 18.49 -21.45 36.23
N LYS A 9 17.64 -21.96 35.34
CA LYS A 9 17.67 -21.54 33.95
C LYS A 9 17.21 -20.09 33.81
N GLY A 10 17.80 -19.39 32.85
CA GLY A 10 17.39 -18.04 32.56
C GLY A 10 15.96 -17.96 32.05
N ASP A 11 15.43 -16.74 32.09
CA ASP A 11 14.05 -16.52 31.69
C ASP A 11 13.92 -16.54 30.17
N PRO A 12 12.72 -16.84 29.67
CA PRO A 12 12.50 -16.78 28.22
C PRO A 12 12.74 -15.38 27.68
N GLY A 13 13.21 -15.31 26.43
CA GLY A 13 13.44 -14.04 25.79
C GLY A 13 12.16 -13.31 25.46
N ASP A 14 12.31 -12.03 25.18
CA ASP A 14 11.19 -11.17 24.84
C ASP A 14 10.74 -11.43 23.40
N PRO A 15 9.48 -11.18 23.09
CA PRO A 15 9.05 -11.22 21.68
C PRO A 15 9.85 -10.22 20.84
N GLY A 16 10.03 -10.56 19.56
CA GLY A 16 10.75 -9.70 18.66
C GLY A 16 9.99 -8.45 18.28
N PRO A 17 10.66 -7.54 17.57
CA PRO A 17 10.02 -6.27 17.16
C PRO A 17 9.07 -6.48 16.00
N PRO A 18 8.14 -5.55 15.78
CA PRO A 18 7.27 -5.63 14.60
C PRO A 18 8.06 -5.59 13.31
N GLY A 19 7.53 -6.24 12.29
CA GLY A 19 8.08 -6.11 10.95
C GLY A 19 7.90 -4.71 10.40
N ALA A 20 8.62 -4.46 9.31
CA ALA A 20 8.53 -3.17 8.65
C ALA A 20 7.15 -2.96 8.07
N ARG A 21 6.73 -1.71 7.98
CA ARG A 21 5.47 -1.42 7.31
C ARG A 21 5.57 -1.81 5.84
N GLY A 22 4.45 -2.25 5.29
CA GLY A 22 4.41 -2.65 3.91
C GLY A 22 4.68 -1.51 2.97
N GLN A 23 5.01 -1.88 1.73
CA GLN A 23 5.22 -0.96 0.64
C GLN A 23 3.92 -0.27 0.26
N ALA A 24 4.04 0.95 -0.28
CA ALA A 24 2.86 1.65 -0.77
C ALA A 24 2.24 0.88 -1.92
N GLY A 25 0.91 0.96 -2.04
CA GLY A 25 0.21 0.27 -3.09
C GLY A 25 0.50 0.88 -4.45
N VAL A 26 0.10 0.16 -5.49
CA VAL A 26 0.26 0.63 -6.87
C VAL A 26 -0.55 1.91 -7.07
N NLE A 27 -0.05 2.79 -7.93
CA NLE A 27 -0.79 3.97 -8.31
C NLE A 27 -2.08 3.55 -8.96
O NLE A 27 -2.11 2.52 -9.66
CB NLE A 27 0.06 4.78 -9.27
CG NLE A 27 -0.58 6.10 -9.66
CD NLE A 27 0.41 6.92 -10.48
CE NLE A 27 -0.08 8.33 -10.66
HA NLE A 27 -1.04 4.60 -7.44
HB2 NLE A 27 0.22 4.19 -10.18
HB3 NLE A 27 1.03 4.97 -8.82
HG2 NLE A 27 -0.86 6.66 -8.77
HG3 NLE A 27 -1.49 5.93 -10.24
HD2 NLE A 27 0.54 6.44 -11.46
HD3 NLE A 27 1.38 6.93 -9.99
HE1 NLE A 27 0.63 8.88 -11.23
HE2 NLE A 27 -0.20 8.79 -9.72
HE3 NLE A 27 -1.00 8.32 -11.18
N GLY A 28 -3.15 4.30 -8.76
CA GLY A 28 -4.39 4.02 -9.45
C GLY A 28 -4.24 4.13 -10.96
N PHE A 29 -5.15 3.54 -11.71
CA PHE A 29 -5.09 3.68 -13.17
C PHE A 29 -5.73 5.01 -13.60
N HYP A 30 -5.53 5.40 -14.85
CA HYP A 30 -6.08 6.66 -15.30
C HYP A 30 -7.55 6.75 -15.15
O HYP A 30 -8.27 5.73 -15.23
CB HYP A 30 -5.61 6.78 -16.74
CG HYP A 30 -4.32 5.96 -16.79
CD HYP A 30 -4.60 4.82 -15.82
OD1 HYP A 30 -3.26 6.79 -16.32
HA HYP A 30 -5.71 7.51 -14.72
HB2 HYP A 30 -5.44 7.81 -17.02
HB3 HYP A 30 -6.36 6.36 -17.43
HG HYP A 30 -4.06 5.59 -17.78
HD22 HYP A 30 -5.03 3.96 -16.32
HD23 HYP A 30 -3.68 4.49 -15.32
HD1 HYP A 30 -2.53 6.75 -16.96
N GLY A 31 -8.05 7.96 -14.94
CA GLY A 31 -9.47 8.15 -14.77
C GLY A 31 -10.29 7.87 -16.02
N PRO A 32 -11.61 7.91 -15.85
CA PRO A 32 -12.50 7.68 -16.98
C PRO A 32 -12.29 8.74 -18.06
N PRO A 33 -12.56 8.39 -19.32
CA PRO A 33 -12.56 9.40 -20.37
C PRO A 33 -13.59 10.47 -20.08
N GLY A 34 -13.32 11.68 -20.55
CA GLY A 34 -14.29 12.74 -20.45
C GLY A 34 -15.47 12.53 -21.37
N PRO A 35 -16.48 13.37 -21.22
CA PRO A 35 -17.68 13.26 -22.07
C PRO A 35 -17.39 13.67 -23.50
N LYS A 36 -18.28 13.23 -24.39
CA LYS A 36 -18.25 13.71 -25.76
C LYS A 36 -18.32 15.23 -25.78
N GLY A 37 -17.57 15.83 -26.70
CA GLY A 37 -17.54 17.27 -26.83
C GLY A 37 -18.84 17.83 -27.38
N PRO A 38 -18.95 19.16 -27.35
CA PRO A 38 -20.16 19.81 -27.85
C PRO A 38 -20.35 19.60 -29.34
N LYS A 39 -21.60 19.44 -29.75
CA LYS A 39 -21.91 19.28 -31.16
C LYS A 39 -21.50 20.53 -31.94
N GLY A 40 -21.11 20.31 -33.19
CA GLY A 40 -20.81 21.43 -34.06
C GLY A 40 -22.00 22.35 -34.26
N ASP A 41 -21.69 23.57 -34.68
CA ASP A 41 -22.73 24.52 -35.00
C ASP A 41 -23.40 24.13 -36.32
N PRO A 42 -24.65 24.51 -36.52
CA PRO A 42 -25.34 24.16 -37.77
C PRO A 42 -24.77 24.92 -38.95
N GLY A 43 -24.96 24.34 -40.13
CA GLY A 43 -24.59 25.02 -41.35
C GLY A 43 -25.49 26.21 -41.63
N ASP A 44 -25.03 27.06 -42.54
CA ASP A 44 -25.79 28.25 -42.89
C ASP A 44 -27.06 27.85 -43.64
N PRO A 45 -28.10 28.68 -43.57
CA PRO A 45 -29.30 28.43 -44.38
C PRO A 45 -28.95 28.43 -45.86
N GLY A 46 -29.71 27.66 -46.63
CA GLY A 46 -29.49 27.56 -48.06
C GLY A 46 -29.77 28.87 -48.78
C ACE B 1 30.36 -25.37 51.89
O ACE B 1 30.91 -26.46 51.78
CH3 ACE B 1 29.50 -25.00 53.07
H1 ACE B 1 28.48 -25.33 52.88
H2 ACE B 1 29.53 -23.93 53.22
H3 ACE B 1 29.89 -25.51 53.95
N GLY B 2 30.48 -24.42 50.97
CA GLY B 2 31.28 -24.60 49.77
C GLY B 2 31.08 -23.46 48.81
N PRO B 3 31.74 -23.52 47.66
CA PRO B 3 31.56 -22.48 46.64
C PRO B 3 30.22 -22.64 45.95
N PRO B 4 29.69 -21.56 45.38
CA PRO B 4 28.43 -21.68 44.65
C PRO B 4 28.57 -22.63 43.47
N GLY B 5 27.45 -23.26 43.09
CA GLY B 5 27.43 -24.15 41.97
C GLY B 5 27.59 -23.41 40.65
N PRO B 6 27.57 -24.17 39.56
CA PRO B 6 27.77 -23.58 38.23
C PRO B 6 26.55 -22.77 37.82
N PRO B 7 26.72 -21.86 36.85
CA PRO B 7 25.58 -21.05 36.40
C PRO B 7 24.55 -21.88 35.65
N GLY B 8 23.30 -21.41 35.72
CA GLY B 8 22.23 -22.06 35.00
C GLY B 8 22.33 -21.88 33.50
N ASP B 9 21.48 -22.60 32.79
CA ASP B 9 21.48 -22.55 31.34
C ASP B 9 20.75 -21.31 30.83
N LYS B 10 21.02 -20.99 29.57
CA LYS B 10 20.39 -19.84 28.94
C LYS B 10 18.91 -20.09 28.70
N GLY B 11 18.11 -19.04 28.83
CA GLY B 11 16.68 -19.14 28.62
C GLY B 11 16.30 -19.38 27.17
N ASP B 12 15.03 -19.75 26.99
CA ASP B 12 14.48 -19.99 25.66
C ASP B 12 14.49 -18.70 24.84
N LYS B 13 14.68 -18.85 23.53
N LYS B 13 14.70 -18.84 23.54
CA LYS B 13 14.56 -17.69 22.64
CA LYS B 13 14.54 -17.72 22.64
C LYS B 13 13.11 -17.22 22.59
C LYS B 13 13.10 -17.21 22.70
N GLY B 14 12.94 -15.90 22.51
CA GLY B 14 11.61 -15.32 22.43
C GLY B 14 10.91 -15.61 21.12
N PRO B 15 9.60 -15.39 21.08
CA PRO B 15 8.83 -15.62 19.84
C PRO B 15 8.96 -14.45 18.89
N PRO B 16 8.60 -14.62 17.62
CA PRO B 16 8.74 -13.51 16.67
C PRO B 16 7.80 -12.36 16.97
N GLY B 17 8.21 -11.18 16.49
CA GLY B 17 7.35 -10.02 16.50
C GLY B 17 6.21 -10.13 15.52
N PRO B 18 5.30 -9.17 15.57
CA PRO B 18 4.11 -9.22 14.71
C PRO B 18 4.41 -8.69 13.32
N PRO B 19 3.53 -8.96 12.36
CA PRO B 19 3.71 -8.36 11.03
C PRO B 19 3.66 -6.85 11.09
N GLY B 20 4.33 -6.22 10.14
CA GLY B 20 4.20 -4.80 9.96
C GLY B 20 2.81 -4.40 9.50
N ALA B 21 2.52 -3.11 9.64
CA ALA B 21 1.26 -2.57 9.15
C ALA B 21 1.19 -2.72 7.65
N ARG B 22 -0.03 -2.85 7.15
CA ARG B 22 -0.28 -2.79 5.71
C ARG B 22 0.25 -1.49 5.16
N GLY B 23 0.82 -1.54 3.97
CA GLY B 23 1.28 -0.32 3.33
C GLY B 23 0.16 0.66 3.07
N GLU B 24 0.55 1.91 2.86
CA GLU B 24 -0.40 2.95 2.53
C GLU B 24 -1.02 2.69 1.16
N HYP B 25 -2.22 3.21 0.92
CA HYP B 25 -2.79 3.12 -0.42
C HYP B 25 -1.93 3.80 -1.43
O HYP B 25 -1.20 4.75 -1.09
CB HYP B 25 -4.15 3.80 -0.31
CG HYP B 25 -4.48 3.74 1.17
CD HYP B 25 -3.14 3.81 1.87
OD1 HYP B 25 -5.09 2.48 1.41
HA HYP B 25 -2.91 2.09 -0.75
HB2 HYP B 25 -4.91 3.28 -0.91
HB3 HYP B 25 -4.11 4.84 -0.67
HG HYP B 25 -5.15 4.56 1.50
HD22 HYP B 25 -2.86 4.84 2.10
HD23 HYP B 25 -3.15 3.26 2.81
HD1 HYP B 25 -4.41 1.84 1.65
N GLY B 26 -2.00 3.33 -2.67
CA GLY B 26 -1.27 3.98 -3.74
C GLY B 26 -1.78 5.38 -4.03
N ASN B 27 -0.99 6.11 -4.80
CA ASN B 27 -1.34 7.45 -5.25
C ASN B 27 -2.58 7.41 -6.14
N ILE B 28 -3.27 8.54 -6.20
N ILE B 28 -3.27 8.53 -6.21
CA ILE B 28 -4.40 8.68 -7.11
CA ILE B 28 -4.44 8.64 -7.10
C ILE B 28 -3.88 8.59 -8.55
C ILE B 28 -3.96 8.70 -8.55
N GLY B 29 -4.67 7.98 -9.42
CA GLY B 29 -4.27 7.88 -10.80
C GLY B 29 -4.29 9.21 -11.52
N PHE B 30 -3.63 9.23 -12.67
CA PHE B 30 -3.66 10.40 -13.54
C PHE B 30 -5.08 10.64 -14.09
N HYP B 31 -5.37 11.86 -14.51
CA HYP B 31 -6.69 12.12 -15.08
C HYP B 31 -6.95 11.34 -16.32
O HYP B 31 -6.00 10.96 -17.04
CB HYP B 31 -6.72 13.63 -15.36
CG HYP B 31 -5.66 14.19 -14.44
CD HYP B 31 -4.61 13.09 -14.36
OD1 HYP B 31 -6.24 14.35 -13.15
HA HYP B 31 -7.50 11.83 -14.39
HB2 HYP B 31 -7.71 14.04 -15.13
HB3 HYP B 31 -6.49 13.84 -16.40
HG HYP B 31 -5.25 15.15 -14.79
HD22 HYP B 31 -3.88 13.20 -15.17
HD23 HYP B 31 -4.08 13.12 -13.42
HD1 HYP B 31 -6.87 15.08 -13.16
N GLY B 32 -8.21 11.09 -16.61
CA GLY B 32 -8.57 10.36 -17.81
C GLY B 32 -8.31 11.17 -19.07
N PRO B 33 -8.39 10.49 -20.20
CA PRO B 33 -8.20 11.17 -21.48
C PRO B 33 -9.39 12.04 -21.81
N PRO B 34 -9.21 13.04 -22.68
CA PRO B 34 -10.36 13.81 -23.16
C PRO B 34 -11.34 12.89 -23.86
N GLY B 35 -12.61 13.28 -23.82
CA GLY B 35 -13.64 12.56 -24.52
C GLY B 35 -13.52 12.75 -26.02
N PRO B 36 -14.34 12.04 -26.77
CA PRO B 36 -14.31 12.18 -28.23
C PRO B 36 -14.83 13.54 -28.66
N PRO B 37 -14.47 13.99 -29.86
CA PRO B 37 -15.05 15.23 -30.38
C PRO B 37 -16.56 15.13 -30.52
N GLY B 38 -17.20 16.29 -30.46
CA GLY B 38 -18.62 16.34 -30.73
C GLY B 38 -18.93 15.96 -32.16
N ASP B 39 -20.20 15.67 -32.39
CA ASP B 39 -20.63 15.33 -33.74
C ASP B 39 -20.64 16.57 -34.62
N LYS B 40 -20.59 16.33 -35.93
CA LYS B 40 -20.75 17.40 -36.90
C LYS B 40 -22.09 18.09 -36.70
N GLY B 41 -22.12 19.40 -36.91
CA GLY B 41 -23.37 20.13 -36.80
C GLY B 41 -24.38 19.72 -37.84
N ASP B 42 -25.64 20.09 -37.57
CA ASP B 42 -26.71 19.82 -38.49
C ASP B 42 -26.54 20.62 -39.78
N LYS B 43 -26.99 20.05 -40.88
CA LYS B 43 -27.05 20.78 -42.14
C LYS B 43 -27.99 21.97 -41.98
N GLY B 44 -27.64 23.08 -42.61
CA GLY B 44 -28.50 24.23 -42.58
C GLY B 44 -29.84 23.93 -43.23
N PRO B 45 -30.88 24.67 -42.85
CA PRO B 45 -32.18 24.45 -43.48
C PRO B 45 -32.16 24.93 -44.92
N PRO B 46 -33.06 24.42 -45.75
CA PRO B 46 -33.06 24.82 -47.16
C PRO B 46 -33.60 26.23 -47.35
N GLY B 47 -33.10 26.89 -48.38
CA GLY B 47 -33.67 28.14 -48.83
C GLY B 47 -34.66 27.91 -49.97
C ACE C 1 27.56 -26.68 49.93
O ACE C 1 26.90 -26.09 50.78
CH3 ACE C 1 27.87 -28.14 50.01
H1 ACE C 1 28.41 -28.35 50.94
H2 ACE C 1 28.49 -28.43 49.16
H3 ACE C 1 26.95 -28.71 50.00
N GLY C 2 28.07 -26.06 48.87
CA GLY C 2 27.87 -24.65 48.64
C GLY C 2 26.46 -24.29 48.21
N PRO C 3 26.23 -22.99 48.03
CA PRO C 3 24.91 -22.52 47.62
C PRO C 3 24.67 -22.78 46.14
N PRO C 4 23.43 -22.67 45.68
CA PRO C 4 23.16 -22.83 44.25
C PRO C 4 23.88 -21.78 43.43
N GLY C 5 24.21 -22.14 42.19
CA GLY C 5 24.87 -21.26 41.28
C GLY C 5 23.95 -20.15 40.80
N PRO C 6 24.52 -19.18 40.09
CA PRO C 6 23.72 -18.06 39.60
C PRO C 6 22.80 -18.48 38.47
N LYS C 7 21.74 -17.69 38.31
N LYS C 7 21.75 -17.68 38.29
CA LYS C 7 20.79 -17.92 37.24
CA LYS C 7 20.78 -17.93 37.24
C LYS C 7 21.48 -17.77 35.89
C LYS C 7 21.41 -17.71 35.87
N GLY C 8 21.02 -18.54 34.91
CA GLY C 8 21.52 -18.44 33.56
C GLY C 8 21.07 -17.16 32.90
N PRO C 9 21.69 -16.83 31.77
CA PRO C 9 21.31 -15.61 31.06
C PRO C 9 19.92 -15.71 30.47
N LYS C 10 19.27 -14.56 30.35
CA LYS C 10 17.97 -14.49 29.70
C LYS C 10 18.10 -14.92 28.25
N GLY C 11 17.03 -15.53 27.72
CA GLY C 11 17.04 -15.96 26.34
C GLY C 11 17.14 -14.78 25.38
N ASP C 12 17.56 -15.10 24.16
CA ASP C 12 17.64 -14.09 23.12
C ASP C 12 16.25 -13.58 22.75
N PRO C 13 16.14 -12.32 22.33
CA PRO C 13 14.85 -11.83 21.81
C PRO C 13 14.45 -12.58 20.55
N GLY C 14 13.15 -12.57 20.29
CA GLY C 14 12.62 -13.21 19.10
C GLY C 14 12.99 -12.48 17.82
N ASP C 15 12.76 -13.17 16.70
CA ASP C 15 12.99 -12.58 15.40
C ASP C 15 12.06 -11.39 15.17
N PRO C 16 12.46 -10.43 14.34
CA PRO C 16 11.49 -9.43 13.88
C PRO C 16 10.34 -10.12 13.16
N GLY C 17 9.17 -9.49 13.22
CA GLY C 17 8.04 -9.97 12.47
C GLY C 17 8.23 -9.79 10.97
N PRO C 18 7.34 -10.40 10.19
CA PRO C 18 7.43 -10.29 8.74
C PRO C 18 7.08 -8.89 8.28
N PRO C 19 7.62 -8.45 7.14
CA PRO C 19 7.21 -7.15 6.59
C PRO C 19 5.73 -7.16 6.25
N GLY C 20 5.11 -6.00 6.37
CA GLY C 20 3.69 -5.89 6.08
C GLY C 20 3.40 -6.13 4.60
N ALA C 21 2.13 -6.38 4.33
CA ALA C 21 1.66 -6.54 2.96
C ALA C 21 1.63 -5.19 2.26
N ARG C 22 1.80 -5.22 0.95
CA ARG C 22 1.74 -3.99 0.16
C ARG C 22 0.35 -3.39 0.26
N GLY C 23 0.28 -2.06 0.18
CA GLY C 23 -0.98 -1.37 0.31
C GLY C 23 -1.94 -1.62 -0.84
N GLN C 24 -3.18 -1.19 -0.63
CA GLN C 24 -4.21 -1.26 -1.66
C GLN C 24 -3.83 -0.36 -2.84
N ALA C 25 -4.31 -0.73 -4.02
CA ALA C 25 -4.14 0.10 -5.19
C ALA C 25 -4.79 1.45 -4.95
N GLY C 26 -4.17 2.50 -5.49
CA GLY C 26 -4.78 3.81 -5.43
C GLY C 26 -6.07 3.88 -6.21
N VAL C 27 -6.87 4.88 -5.90
CA VAL C 27 -8.11 5.14 -6.61
C VAL C 27 -7.77 5.63 -8.01
N NLE C 28 -8.65 5.33 -8.97
CA NLE C 28 -8.47 5.82 -10.31
C NLE C 28 -8.54 7.32 -10.33
O NLE C 28 -9.09 7.97 -9.41
CB NLE C 28 -9.51 5.23 -11.27
CG NLE C 28 -10.92 5.72 -10.98
CD NLE C 28 -11.92 5.08 -11.94
CE NLE C 28 -13.34 5.52 -11.66
HA NLE C 28 -7.49 5.49 -10.69
HB2 NLE C 28 -9.50 4.14 -11.18
HB3 NLE C 28 -9.25 5.49 -12.29
HG2 NLE C 28 -10.97 6.81 -11.09
HG3 NLE C 28 -11.20 5.49 -9.96
HD2 NLE C 28 -11.86 3.99 -11.85
HD3 NLE C 28 -11.67 5.34 -12.96
HE1 NLE C 28 -14.00 5.05 -12.34
HE2 NLE C 28 -13.41 6.57 -11.76
HE3 NLE C 28 -13.61 5.24 -10.66
N GLY C 29 -7.98 7.90 -11.38
CA GLY C 29 -7.95 9.34 -11.53
C GLY C 29 -9.32 9.96 -11.75
N PHE C 30 -9.33 11.28 -11.69
CA PHE C 30 -10.52 12.07 -12.01
C PHE C 30 -10.80 11.97 -13.51
N HYP C 31 -12.02 12.29 -13.93
CA HYP C 31 -12.35 12.18 -15.34
C HYP C 31 -11.62 13.14 -16.22
O HYP C 31 -11.26 14.25 -15.79
CB HYP C 31 -13.85 12.40 -15.39
CG HYP C 31 -14.35 12.18 -13.97
CD HYP C 31 -13.18 12.63 -13.11
OD1 HYP C 31 -14.59 10.79 -13.74
HA HYP C 31 -12.07 11.19 -15.74
HB2 HYP C 31 -14.34 11.72 -16.08
HB3 HYP C 31 -14.09 13.42 -15.72
HG HYP C 31 -15.29 12.73 -13.75
HD22 HYP C 31 -13.22 13.70 -12.91
HD23 HYP C 31 -13.15 12.10 -12.15
HD1 HYP C 31 -14.12 10.28 -14.41
N GLY C 32 -11.41 12.75 -17.46
CA GLY C 32 -10.85 13.66 -18.43
C GLY C 32 -11.85 14.74 -18.82
N PRO C 33 -11.39 15.73 -19.57
CA PRO C 33 -12.26 16.84 -19.99
C PRO C 33 -13.14 16.43 -21.16
N PRO C 34 -14.19 17.20 -21.45
CA PRO C 34 -14.96 16.94 -22.67
C PRO C 34 -14.05 17.04 -23.88
N GLY C 35 -14.45 16.34 -24.93
CA GLY C 35 -13.75 16.42 -26.19
C GLY C 35 -13.92 17.76 -26.86
N PRO C 36 -13.22 17.96 -27.96
CA PRO C 36 -13.35 19.21 -28.72
C PRO C 36 -14.76 19.34 -29.31
N LYS C 37 -15.08 20.58 -29.68
CA LYS C 37 -16.32 20.83 -30.41
C LYS C 37 -16.27 20.19 -31.78
N GLY C 38 -17.42 19.69 -32.25
CA GLY C 38 -17.51 19.10 -33.55
C GLY C 38 -17.39 20.14 -34.66
N PRO C 39 -17.22 19.67 -35.90
CA PRO C 39 -17.12 20.59 -37.03
C PRO C 39 -18.46 21.18 -37.41
N LYS C 40 -18.41 22.33 -38.09
CA LYS C 40 -19.62 23.01 -38.54
C LYS C 40 -20.39 22.15 -39.53
N GLY C 41 -21.72 22.23 -39.46
CA GLY C 41 -22.56 21.52 -40.39
C GLY C 41 -22.45 22.05 -41.81
N ASP C 42 -22.97 21.26 -42.75
CA ASP C 42 -22.94 21.64 -44.15
C ASP C 42 -23.92 22.78 -44.43
N PRO C 43 -23.66 23.58 -45.45
CA PRO C 43 -24.64 24.61 -45.86
C PRO C 43 -25.95 23.96 -46.31
N GLY C 44 -27.05 24.68 -46.10
CA GLY C 44 -28.34 24.19 -46.57
C GLY C 44 -28.40 24.11 -48.08
N ASP C 45 -29.34 23.30 -48.57
CA ASP C 45 -29.50 23.18 -50.02
C ASP C 45 -30.21 24.41 -50.56
N PRO C 46 -29.93 24.79 -51.82
CA PRO C 46 -30.65 25.93 -52.42
C PRO C 46 -32.11 25.60 -52.72
C1 GOL D . -9.40 2.79 -18.58
O1 GOL D . -10.38 3.71 -18.19
C2 GOL D . -8.18 2.86 -17.65
O2 GOL D . -7.67 4.18 -17.54
C3 GOL D . -7.07 1.95 -18.16
O3 GOL D . -6.51 2.45 -19.36
H11 GOL D . -9.08 3.01 -19.60
H12 GOL D . -9.81 1.78 -18.56
HO1 GOL D . -11.21 3.53 -18.67
H2 GOL D . -8.52 2.52 -16.67
HO2 GOL D . -7.84 4.52 -16.64
H31 GOL D . -7.47 0.95 -18.34
H32 GOL D . -6.29 1.85 -17.40
HO3 GOL D . -6.76 3.39 -19.45
C1 GOL E . -13.81 10.52 -7.71
O1 GOL E . -14.84 10.97 -6.84
C2 GOL E . -12.47 10.52 -6.98
O2 GOL E . -12.54 9.67 -5.86
C3 GOL E . -11.38 10.07 -7.94
O3 GOL E . -11.69 8.82 -8.53
H11 GOL E . -13.76 11.17 -8.58
H12 GOL E . -14.05 9.52 -8.06
HO1 GOL E . -14.58 11.81 -6.44
H2 GOL E . -12.25 11.54 -6.65
HO2 GOL E . -13.41 9.23 -5.82
H31 GOL E . -10.44 9.98 -7.39
H32 GOL E . -11.25 10.81 -8.72
HO3 GOL E . -10.89 8.46 -8.97
#